data_1DJ9
#
_entry.id   1DJ9
#
_cell.length_a   58.890
_cell.length_b   58.890
_cell.length_c   201.770
_cell.angle_alpha   90.00
_cell.angle_beta   90.00
_cell.angle_gamma   120.00
#
_symmetry.space_group_name_H-M   'P 31 1 2'
#
loop_
_entity.id
_entity.type
_entity.pdbx_description
1 polymer '8-AMINO-7-OXONONANOATE SYNTHASE'
2 non-polymer 'SULFATE ION'
3 non-polymer 'MAGNESIUM ION'
4 non-polymer 'N-[7-KETO-8-AMINOPELARGONIC ACID]-[3-HYDROXY-2-METHYL-5-PHOSPHONOOXYMETHYL-PYRIDIN-4-YL-METHANE]'
5 water water
#
_entity_poly.entity_id   1
_entity_poly.type   'polypeptide(L)'
_entity_poly.pdbx_seq_one_letter_code
;MSWQEKINAALDARGAADALRRRYPVAQGAGRWLVADDRQYLNFSSNDYLGLSHHPQIIRAWQQGAEQFGIGSGGSGHVS
GYSVVHQALEEELAEWLGYSRALLFISGFAANQAVIAAMMAKEDRIAADRLSHASLLEAASLSPSQLRRFAHNDVTHLAR
LLASPCPGQQMVVTEGVFSMDGDSAPLAEIQQVTQQHNGWLMVDDAHGTGVIGEQGRGSCWLQKVKPELLVVTFGKGFGV
SGAAVLCSSTVADYLLQFARHLIYSTSMPPAQAQALRASLAVIRSDEGDARREKLAALITRFRAGVQDLPFTLADSCSAI
QPLIVGDNSRALQLAEKLRQQGCWVTGIRPPTVPAGIARLRLTLTAAHEMQDIDRLLEVLHGNG
;
_entity_poly.pdbx_strand_id   A
#
loop_
_chem_comp.id
_chem_comp.type
_chem_comp.name
_chem_comp.formula
KAM non-polymer 'N-[7-KETO-8-AMINOPELARGONIC ACID]-[3-HYDROXY-2-METHYL-5-PHOSPHONOOXYMETHYL-PYRIDIN-4-YL-METHANE]' 'C17 H27 N2 O8 P'
MG non-polymer 'MAGNESIUM ION' 'Mg 2'
SO4 non-polymer 'SULFATE ION' 'O4 S -2'
#
# COMPACT_ATOMS: atom_id res chain seq x y z
N SER A 2 1.34 -24.88 -27.77
CA SER A 2 1.44 -23.68 -28.60
C SER A 2 0.88 -22.47 -27.85
N TRP A 3 1.09 -21.27 -28.38
CA TRP A 3 0.75 -20.05 -27.67
C TRP A 3 -0.71 -20.11 -27.21
N GLN A 4 -1.65 -20.33 -28.13
CA GLN A 4 -3.04 -20.25 -27.68
C GLN A 4 -3.38 -21.35 -26.67
N GLU A 5 -2.79 -22.52 -26.83
CA GLU A 5 -2.97 -23.65 -25.93
C GLU A 5 -2.38 -23.32 -24.57
N LYS A 6 -1.22 -22.66 -24.62
CA LYS A 6 -0.59 -22.16 -23.40
C LYS A 6 -1.52 -21.17 -22.73
N ILE A 7 -2.06 -20.25 -23.54
CA ILE A 7 -2.99 -19.26 -22.98
C ILE A 7 -4.22 -19.92 -22.33
N ASN A 8 -4.95 -20.63 -23.17
CA ASN A 8 -6.20 -21.29 -22.89
C ASN A 8 -6.09 -22.22 -21.70
N ALA A 9 -5.00 -22.98 -21.57
CA ALA A 9 -4.86 -23.89 -20.44
C ALA A 9 -4.77 -23.17 -19.10
N ALA A 10 -3.90 -22.16 -19.08
CA ALA A 10 -3.75 -21.30 -17.92
C ALA A 10 -5.09 -20.71 -17.55
N LEU A 11 -5.80 -20.22 -18.58
CA LEU A 11 -7.08 -19.60 -18.23
C LEU A 11 -7.96 -20.69 -17.62
N ASP A 12 -7.87 -21.90 -18.16
CA ASP A 12 -8.66 -23.02 -17.65
C ASP A 12 -8.30 -23.33 -16.22
N ALA A 13 -6.99 -23.31 -15.90
CA ALA A 13 -6.66 -23.66 -14.52
C ALA A 13 -7.25 -22.66 -13.53
N ARG A 14 -7.24 -21.38 -13.88
CA ARG A 14 -7.78 -20.37 -12.95
C ARG A 14 -9.27 -20.57 -12.72
N GLY A 15 -9.98 -20.88 -13.80
CA GLY A 15 -11.42 -21.15 -13.71
C GLY A 15 -11.68 -22.24 -12.69
N ALA A 16 -10.89 -23.31 -12.80
CA ALA A 16 -11.07 -24.47 -11.95
C ALA A 16 -10.95 -24.16 -10.47
N ALA A 17 -10.44 -23.02 -10.07
CA ALA A 17 -10.40 -22.77 -8.63
C ALA A 17 -11.27 -21.58 -8.24
N ASP A 18 -11.94 -21.04 -9.27
CA ASP A 18 -12.81 -19.89 -9.03
C ASP A 18 -11.94 -18.75 -8.62
N ALA A 19 -10.75 -18.83 -9.24
CA ALA A 19 -9.64 -17.91 -9.11
C ALA A 19 -9.65 -16.88 -10.25
N LEU A 20 -10.77 -16.86 -10.97
CA LEU A 20 -10.95 -16.01 -12.13
C LEU A 20 -11.40 -14.60 -11.75
N ARG A 21 -10.64 -13.62 -12.22
CA ARG A 21 -10.93 -12.23 -11.90
C ARG A 21 -11.52 -11.48 -13.10
N ARG A 22 -12.59 -10.74 -12.81
CA ARG A 22 -13.19 -9.84 -13.79
C ARG A 22 -13.35 -8.46 -13.15
N ARG A 23 -13.12 -7.38 -13.90
CA ARG A 23 -13.30 -6.05 -13.32
C ARG A 23 -14.76 -5.61 -13.43
N TYR A 24 -15.21 -4.78 -12.50
CA TYR A 24 -16.52 -4.14 -12.57
C TYR A 24 -16.30 -2.63 -12.73
N PRO A 25 -16.84 -2.03 -13.77
CA PRO A 25 -16.66 -0.59 -14.05
C PRO A 25 -17.47 0.27 -13.09
N VAL A 26 -16.85 1.31 -12.52
CA VAL A 26 -17.55 2.14 -11.54
C VAL A 26 -17.54 3.60 -11.94
N ALA A 27 -18.60 4.33 -11.60
CA ALA A 27 -18.72 5.75 -11.76
C ALA A 27 -17.90 6.48 -10.70
N GLN A 28 -17.92 5.94 -9.48
CA GLN A 28 -17.16 6.47 -8.36
C GLN A 28 -16.55 5.29 -7.61
N GLY A 29 -15.26 5.20 -7.37
CA GLY A 29 -14.77 4.03 -6.63
C GLY A 29 -14.00 4.37 -5.38
N ALA A 30 -13.77 5.66 -5.11
CA ALA A 30 -12.91 6.07 -4.03
C ALA A 30 -13.58 6.85 -2.93
N GLY A 31 -13.42 6.44 -1.67
CA GLY A 31 -13.98 7.34 -0.67
C GLY A 31 -15.29 6.85 -0.10
N ARG A 32 -16.18 7.74 0.34
CA ARG A 32 -17.33 7.27 1.11
C ARG A 32 -18.27 6.37 0.33
N TRP A 33 -18.55 6.77 -0.89
CA TRP A 33 -19.52 6.24 -1.82
C TRP A 33 -18.88 5.46 -2.96
N LEU A 34 -19.58 4.39 -3.32
CA LEU A 34 -19.23 3.72 -4.57
C LEU A 34 -20.42 3.84 -5.52
N VAL A 35 -20.17 4.17 -6.79
CA VAL A 35 -21.31 4.29 -7.69
C VAL A 35 -21.10 3.32 -8.82
N ALA A 36 -22.06 2.41 -8.97
CA ALA A 36 -21.96 1.41 -10.01
C ALA A 36 -23.32 1.22 -10.66
N ASP A 37 -23.38 1.16 -11.99
CA ASP A 37 -24.71 1.00 -12.61
C ASP A 37 -25.61 2.15 -12.22
N ASP A 38 -25.02 3.31 -11.99
CA ASP A 38 -25.77 4.47 -11.48
C ASP A 38 -26.59 4.11 -10.23
N ARG A 39 -26.06 3.18 -9.44
CA ARG A 39 -26.52 2.71 -8.15
C ARG A 39 -25.47 3.02 -7.07
N GLN A 40 -25.83 3.83 -6.09
CA GLN A 40 -24.96 4.29 -5.02
C GLN A 40 -24.85 3.26 -3.90
N TYR A 41 -23.63 2.99 -3.44
CA TYR A 41 -23.42 2.12 -2.30
C TYR A 41 -22.52 2.79 -1.27
N LEU A 42 -22.65 2.40 0.00
CA LEU A 42 -21.57 2.84 0.90
C LEU A 42 -20.33 2.07 0.48
N ASN A 43 -19.19 2.72 0.43
CA ASN A 43 -17.97 2.12 -0.12
C ASN A 43 -17.06 1.54 0.96
N PHE A 44 -16.99 0.23 1.15
CA PHE A 44 -16.03 -0.33 2.11
C PHE A 44 -14.92 -1.16 1.47
N SER A 45 -14.47 -0.71 0.30
CA SER A 45 -13.55 -1.50 -0.51
C SER A 45 -12.34 -0.70 -0.99
N SER A 46 -12.39 0.63 -0.96
CA SER A 46 -11.31 1.48 -1.42
C SER A 46 -10.16 1.65 -0.43
N ASN A 47 -9.09 2.30 -0.90
CA ASN A 47 -7.91 2.49 -0.07
C ASN A 47 -7.76 3.96 0.30
N ASP A 48 -8.80 4.74 0.11
CA ASP A 48 -8.81 6.20 0.28
C ASP A 48 -8.95 6.56 1.75
N TYR A 49 -7.98 6.06 2.54
CA TYR A 49 -8.14 6.00 3.98
C TYR A 49 -8.42 7.33 4.66
N LEU A 50 -7.88 8.43 4.12
CA LEU A 50 -8.14 9.69 4.80
C LEU A 50 -9.16 10.53 4.04
N GLY A 51 -9.74 9.93 2.98
CA GLY A 51 -10.74 10.63 2.19
C GLY A 51 -10.18 11.79 1.41
N LEU A 52 -8.91 11.74 1.02
CA LEU A 52 -8.28 12.85 0.31
C LEU A 52 -8.49 12.82 -1.19
N SER A 53 -8.95 11.71 -1.74
CA SER A 53 -9.15 11.60 -3.19
C SER A 53 -10.06 12.70 -3.74
N HIS A 54 -10.95 13.15 -2.86
CA HIS A 54 -11.83 14.26 -3.19
C HIS A 54 -11.54 15.48 -2.33
N HIS A 55 -10.30 15.73 -1.95
CA HIS A 55 -10.12 16.97 -1.17
C HIS A 55 -10.05 18.14 -2.15
N PRO A 56 -10.84 19.16 -1.85
CA PRO A 56 -10.88 20.37 -2.67
C PRO A 56 -9.49 20.94 -2.94
N GLN A 57 -8.63 21.04 -1.93
CA GLN A 57 -7.31 21.57 -2.20
C GLN A 57 -6.57 20.64 -3.15
N ILE A 58 -6.80 19.33 -2.99
CA ILE A 58 -5.98 18.47 -3.84
C ILE A 58 -6.46 18.63 -5.28
N ILE A 59 -7.79 18.65 -5.40
CA ILE A 59 -8.38 18.85 -6.73
C ILE A 59 -7.85 20.13 -7.32
N ARG A 60 -7.69 21.17 -6.48
CA ARG A 60 -7.31 22.46 -7.11
C ARG A 60 -5.86 22.47 -7.54
N ALA A 61 -5.03 21.78 -6.77
CA ALA A 61 -3.62 21.81 -7.19
C ALA A 61 -3.45 21.00 -8.47
N TRP A 62 -4.24 19.93 -8.61
CA TRP A 62 -4.23 19.15 -9.84
C TRP A 62 -4.70 19.96 -11.04
N GLN A 63 -5.69 20.84 -10.85
CA GLN A 63 -6.18 21.63 -11.98
C GLN A 63 -5.23 22.75 -12.34
N GLN A 64 -4.92 23.60 -11.35
CA GLN A 64 -3.99 24.69 -11.58
C GLN A 64 -2.65 24.25 -12.16
N GLY A 65 -2.14 23.10 -11.69
CA GLY A 65 -0.84 22.63 -12.20
C GLY A 65 -0.89 22.44 -13.71
N ALA A 66 -2.01 21.94 -14.21
CA ALA A 66 -2.21 21.77 -15.66
C ALA A 66 -2.14 23.12 -16.38
N GLU A 67 -2.81 24.10 -15.76
CA GLU A 67 -2.77 25.48 -16.24
C GLU A 67 -1.34 25.95 -16.39
N GLN A 68 -0.55 25.72 -15.35
CA GLN A 68 0.84 26.14 -15.31
C GLN A 68 1.79 25.28 -16.11
N PHE A 69 1.66 23.95 -16.07
CA PHE A 69 2.74 23.12 -16.61
C PHE A 69 2.36 22.30 -17.83
N GLY A 70 1.13 22.47 -18.29
CA GLY A 70 0.63 21.52 -19.28
C GLY A 70 0.49 20.16 -18.63
N ILE A 71 0.35 19.09 -19.43
CA ILE A 71 0.11 17.80 -18.76
C ILE A 71 1.39 16.97 -18.74
N GLY A 72 1.66 16.27 -19.83
CA GLY A 72 2.85 15.48 -19.95
C GLY A 72 4.11 16.21 -19.55
N SER A 73 5.03 15.50 -18.89
CA SER A 73 6.33 16.07 -18.55
C SER A 73 7.24 16.06 -19.76
N GLY A 74 6.94 15.25 -20.79
CA GLY A 74 7.80 15.32 -21.95
C GLY A 74 8.88 14.27 -21.98
N GLY A 75 9.10 13.55 -20.87
CA GLY A 75 10.21 12.63 -20.90
C GLY A 75 10.63 12.17 -19.53
N SER A 76 11.82 11.57 -19.52
CA SER A 76 12.47 11.06 -18.34
C SER A 76 13.12 12.18 -17.53
N GLY A 77 13.08 12.07 -16.21
CA GLY A 77 13.77 12.90 -15.24
C GLY A 77 15.24 12.99 -15.53
N HIS A 78 15.81 12.00 -16.21
CA HIS A 78 17.19 12.14 -16.65
C HIS A 78 17.37 12.97 -17.90
N VAL A 79 16.29 13.48 -18.49
CA VAL A 79 16.47 14.40 -19.61
C VAL A 79 15.72 15.69 -19.26
N SER A 80 14.66 16.01 -19.98
CA SER A 80 13.94 17.25 -19.66
C SER A 80 12.69 17.05 -18.84
N GLY A 81 12.52 15.85 -18.29
CA GLY A 81 11.31 15.57 -17.54
C GLY A 81 11.47 15.77 -16.06
N TYR A 82 12.55 16.37 -15.58
CA TYR A 82 12.62 16.56 -14.12
C TYR A 82 12.22 17.98 -13.77
N SER A 83 10.95 18.15 -13.42
CA SER A 83 10.35 19.37 -12.98
C SER A 83 10.80 19.89 -11.63
N VAL A 84 10.82 21.22 -11.55
CA VAL A 84 11.06 21.82 -10.23
C VAL A 84 10.00 21.36 -9.25
N VAL A 85 8.80 21.03 -9.71
CA VAL A 85 7.75 20.61 -8.78
C VAL A 85 7.96 19.18 -8.29
N HIS A 86 8.59 18.35 -9.11
CA HIS A 86 9.02 17.02 -8.77
C HIS A 86 10.12 17.11 -7.71
N GLN A 87 11.05 18.02 -7.96
CA GLN A 87 12.14 18.27 -7.02
C GLN A 87 11.59 18.73 -5.67
N ALA A 88 10.70 19.72 -5.68
CA ALA A 88 10.14 20.19 -4.41
C ALA A 88 9.43 19.09 -3.64
N LEU A 89 8.68 18.28 -4.38
CA LEU A 89 7.92 17.22 -3.68
C LEU A 89 8.88 16.28 -2.96
N GLU A 90 9.93 15.85 -3.65
CA GLU A 90 10.96 14.97 -3.09
C GLU A 90 11.64 15.59 -1.87
N GLU A 91 11.96 16.89 -1.92
CA GLU A 91 12.58 17.56 -0.78
C GLU A 91 11.63 17.59 0.40
N GLU A 92 10.36 17.83 0.09
CA GLU A 92 9.35 17.90 1.16
C GLU A 92 9.10 16.53 1.79
N LEU A 93 8.97 15.50 0.96
CA LEU A 93 8.88 14.13 1.45
C LEU A 93 10.09 13.80 2.35
N ALA A 94 11.30 14.11 1.89
CA ALA A 94 12.54 13.74 2.61
C ALA A 94 12.63 14.47 3.94
N GLU A 95 12.22 15.72 3.92
CA GLU A 95 12.12 16.54 5.12
C GLU A 95 11.10 15.94 6.08
N TRP A 96 9.97 15.51 5.51
CA TRP A 96 8.86 15.05 6.35
C TRP A 96 9.25 13.76 7.07
N LEU A 97 10.03 12.90 6.40
CA LEU A 97 10.20 11.55 7.01
C LEU A 97 11.56 11.40 7.67
N GLY A 98 12.40 12.42 7.62
CA GLY A 98 13.71 12.42 8.27
C GLY A 98 14.82 11.71 7.52
N TYR A 99 14.78 11.82 6.20
CA TYR A 99 15.77 11.23 5.31
C TYR A 99 16.47 12.30 4.50
N SER A 100 17.65 11.99 3.98
CA SER A 100 18.38 12.96 3.17
C SER A 100 17.82 13.15 1.78
N ARG A 101 17.25 12.10 1.20
CA ARG A 101 16.75 12.14 -0.15
C ARG A 101 15.43 11.38 -0.32
N ALA A 102 14.69 11.79 -1.34
CA ALA A 102 13.53 11.06 -1.85
C ALA A 102 13.60 11.00 -3.37
N LEU A 103 13.06 9.93 -3.93
CA LEU A 103 13.03 9.80 -5.39
C LEU A 103 11.64 9.35 -5.82
N LEU A 104 11.01 10.07 -6.73
CA LEU A 104 9.64 9.79 -7.13
C LEU A 104 9.62 8.65 -8.15
N PHE A 105 8.57 7.85 -8.01
CA PHE A 105 8.32 6.75 -8.92
C PHE A 105 6.89 6.86 -9.44
N ILE A 106 6.62 6.22 -10.59
CA ILE A 106 5.27 6.45 -11.12
C ILE A 106 4.22 5.69 -10.31
N SER A 107 4.65 4.69 -9.55
CA SER A 107 3.85 3.78 -8.75
C SER A 107 4.66 3.02 -7.68
N GLY A 108 3.94 2.52 -6.67
CA GLY A 108 4.54 1.80 -5.56
C GLY A 108 5.21 0.53 -6.05
N PHE A 109 4.48 -0.12 -6.95
CA PHE A 109 4.92 -1.35 -7.59
C PHE A 109 6.24 -1.11 -8.32
N ALA A 110 6.30 0.00 -9.06
CA ALA A 110 7.52 0.34 -9.76
C ALA A 110 8.63 0.65 -8.77
N ALA A 111 8.29 1.37 -7.70
CA ALA A 111 9.35 1.76 -6.76
C ALA A 111 9.98 0.53 -6.14
N ASN A 112 9.17 -0.40 -5.65
CA ASN A 112 9.65 -1.57 -4.95
C ASN A 112 10.51 -2.43 -5.87
N GLN A 113 10.06 -2.60 -7.10
CA GLN A 113 10.78 -3.46 -8.04
C GLN A 113 12.07 -2.84 -8.51
N ALA A 114 12.07 -1.52 -8.74
CA ALA A 114 13.28 -0.81 -9.11
C ALA A 114 14.35 -0.87 -8.03
N VAL A 115 13.96 -0.69 -6.76
CA VAL A 115 14.92 -0.78 -5.67
C VAL A 115 15.50 -2.18 -5.57
N ILE A 116 14.60 -3.16 -5.47
CA ILE A 116 15.09 -4.53 -5.30
C ILE A 116 15.95 -4.90 -6.50
N ALA A 117 15.56 -4.50 -7.72
CA ALA A 117 16.40 -4.83 -8.86
C ALA A 117 17.74 -4.12 -8.87
N ALA A 118 17.78 -2.82 -8.61
CA ALA A 118 19.05 -2.10 -8.66
C ALA A 118 20.00 -2.63 -7.61
N MET A 119 19.45 -3.05 -6.46
CA MET A 119 20.43 -3.16 -5.38
C MET A 119 20.92 -4.57 -5.12
N MET A 120 20.15 -5.56 -5.55
CA MET A 120 20.45 -6.95 -5.23
C MET A 120 21.11 -7.66 -6.42
N ALA A 121 22.16 -8.41 -6.10
CA ALA A 121 23.00 -9.17 -7.00
C ALA A 121 22.98 -10.64 -6.65
N LYS A 122 23.55 -11.48 -7.51
CA LYS A 122 23.33 -12.91 -7.31
C LYS A 122 23.94 -13.40 -6.01
N GLU A 123 24.96 -12.72 -5.49
CA GLU A 123 25.53 -13.17 -4.22
C GLU A 123 24.68 -12.86 -3.01
N ASP A 124 23.68 -12.00 -3.20
CA ASP A 124 23.00 -11.39 -2.08
C ASP A 124 21.81 -12.18 -1.59
N ARG A 125 21.32 -11.75 -0.41
CA ARG A 125 20.13 -12.41 0.08
C ARG A 125 19.08 -11.38 0.48
N ILE A 126 17.85 -11.77 0.20
CA ILE A 126 16.65 -11.04 0.56
C ILE A 126 15.88 -11.94 1.52
N ALA A 127 15.74 -11.42 2.73
CA ALA A 127 14.87 -11.99 3.75
C ALA A 127 13.65 -11.08 3.91
N ALA A 128 12.54 -11.61 3.40
CA ALA A 128 11.27 -10.90 3.33
C ALA A 128 10.19 -11.63 4.11
N ASP A 129 9.35 -10.88 4.80
CA ASP A 129 8.20 -11.46 5.50
C ASP A 129 7.35 -12.27 4.53
N ARG A 130 6.77 -13.38 4.97
CA ARG A 130 6.12 -14.27 4.01
C ARG A 130 4.85 -13.66 3.42
N LEU A 131 4.27 -12.65 4.07
CA LEU A 131 3.05 -12.03 3.54
C LEU A 131 3.37 -10.65 2.97
N SER A 132 4.63 -10.43 2.57
CA SER A 132 5.03 -9.19 1.91
C SER A 132 4.25 -9.01 0.61
N HIS A 133 4.01 -7.78 0.17
CA HIS A 133 3.28 -7.45 -1.05
C HIS A 133 3.86 -8.13 -2.27
N ALA A 134 3.00 -8.57 -3.18
CA ALA A 134 3.38 -9.24 -4.42
C ALA A 134 4.36 -8.43 -5.26
N SER A 135 4.41 -7.08 -5.17
CA SER A 135 5.46 -6.47 -5.98
C SER A 135 6.84 -6.81 -5.39
N LEU A 136 6.98 -6.86 -4.07
CA LEU A 136 8.29 -7.17 -3.48
C LEU A 136 8.77 -8.59 -3.74
N LEU A 137 7.89 -9.54 -3.43
CA LEU A 137 8.13 -10.96 -3.56
C LEU A 137 8.35 -11.34 -5.01
N GLU A 138 7.54 -10.75 -5.90
CA GLU A 138 7.73 -11.01 -7.32
C GLU A 138 9.14 -10.68 -7.76
N ALA A 139 9.50 -9.44 -7.47
CA ALA A 139 10.81 -8.87 -7.79
C ALA A 139 11.92 -9.60 -7.07
N ALA A 140 11.69 -9.94 -5.79
CA ALA A 140 12.79 -10.66 -5.11
C ALA A 140 12.96 -12.02 -5.78
N SER A 141 11.83 -12.55 -6.23
CA SER A 141 11.77 -13.81 -6.94
C SER A 141 12.58 -13.76 -8.24
N LEU A 142 12.19 -12.82 -9.10
CA LEU A 142 12.93 -12.58 -10.34
C LEU A 142 14.38 -12.19 -10.05
N SER A 143 14.69 -11.55 -8.93
CA SER A 143 16.07 -11.17 -8.65
C SER A 143 17.04 -12.34 -8.75
N PRO A 144 18.27 -12.09 -9.20
CA PRO A 144 19.25 -13.18 -9.20
C PRO A 144 19.73 -13.47 -7.78
N SER A 145 19.38 -12.58 -6.84
CA SER A 145 19.75 -12.82 -5.45
C SER A 145 18.97 -14.01 -4.91
N GLN A 146 19.37 -14.57 -3.77
CA GLN A 146 18.57 -15.65 -3.18
C GLN A 146 17.45 -15.10 -2.29
N LEU A 147 16.27 -15.72 -2.34
CA LEU A 147 15.19 -15.16 -1.53
C LEU A 147 14.81 -16.16 -0.44
N ARG A 148 14.73 -15.68 0.80
CA ARG A 148 14.22 -16.58 1.85
C ARG A 148 13.06 -15.87 2.54
N ARG A 149 11.94 -16.54 2.75
CA ARG A 149 10.86 -15.83 3.45
C ARG A 149 10.91 -16.15 4.94
N PHE A 150 10.74 -15.22 5.87
CA PHE A 150 10.55 -15.65 7.25
C PHE A 150 9.06 -15.65 7.63
N ALA A 151 8.67 -16.56 8.50
CA ALA A 151 7.27 -16.69 8.92
C ALA A 151 6.78 -15.33 9.41
N HIS A 152 5.50 -15.06 9.24
CA HIS A 152 4.94 -13.73 9.41
C HIS A 152 5.37 -13.14 10.75
N ASN A 153 6.07 -12.02 10.73
CA ASN A 153 6.47 -11.29 11.94
C ASN A 153 7.37 -12.05 12.89
N ASP A 154 7.95 -13.17 12.43
CA ASP A 154 8.76 -14.01 13.33
C ASP A 154 10.22 -13.59 13.36
N VAL A 155 10.60 -12.80 14.35
CA VAL A 155 11.97 -12.27 14.38
C VAL A 155 12.99 -13.37 14.63
N THR A 156 12.62 -14.35 15.45
CA THR A 156 13.43 -15.55 15.65
C THR A 156 13.79 -16.16 14.30
N HIS A 157 12.77 -16.57 13.55
CA HIS A 157 13.00 -17.07 12.20
C HIS A 157 13.88 -16.12 11.38
N LEU A 158 13.60 -14.81 11.40
CA LEU A 158 14.41 -13.91 10.58
C LEU A 158 15.89 -13.99 10.97
N ALA A 159 16.10 -14.07 12.27
CA ALA A 159 17.46 -14.20 12.80
C ALA A 159 18.13 -15.44 12.25
N ARG A 160 17.35 -16.52 12.16
CA ARG A 160 17.94 -17.77 11.67
C ARG A 160 18.34 -17.63 10.21
N LEU A 161 17.51 -16.90 9.46
CA LEU A 161 17.85 -16.74 8.04
C LEU A 161 19.03 -15.80 7.89
N LEU A 162 19.12 -14.74 8.70
CA LEU A 162 20.25 -13.82 8.53
C LEU A 162 21.57 -14.48 8.94
N ALA A 163 21.48 -15.43 9.87
CA ALA A 163 22.64 -16.05 10.49
C ALA A 163 23.34 -17.02 9.53
N SER A 164 22.53 -17.63 8.68
CA SER A 164 22.98 -18.52 7.63
C SER A 164 24.11 -17.88 6.83
N PRO A 165 25.21 -18.60 6.64
CA PRO A 165 26.35 -18.05 5.90
C PRO A 165 25.89 -17.41 4.60
N CYS A 166 26.35 -16.20 4.31
CA CYS A 166 25.95 -15.52 3.08
C CYS A 166 27.14 -14.99 2.29
N PRO A 167 27.20 -15.32 1.00
CA PRO A 167 28.32 -14.81 0.20
C PRO A 167 28.26 -13.31 0.00
N GLY A 168 27.05 -12.72 0.00
CA GLY A 168 27.00 -11.29 -0.31
C GLY A 168 26.39 -10.45 0.80
N GLN A 169 25.53 -9.49 0.45
CA GLN A 169 24.89 -8.68 1.49
C GLN A 169 23.44 -9.11 1.65
N GLN A 170 22.83 -8.80 2.78
CA GLN A 170 21.43 -9.18 2.95
C GLN A 170 20.50 -7.98 3.16
N MET A 171 19.33 -8.06 2.55
CA MET A 171 18.35 -6.98 2.66
C MET A 171 17.14 -7.54 3.37
N VAL A 172 16.72 -6.93 4.47
CA VAL A 172 15.49 -7.43 5.12
C VAL A 172 14.29 -6.70 4.54
N VAL A 173 13.17 -7.36 4.26
CA VAL A 173 12.09 -6.46 3.77
C VAL A 173 10.80 -6.79 4.49
N THR A 174 10.07 -5.74 4.90
CA THR A 174 8.78 -6.05 5.52
C THR A 174 7.82 -4.89 5.24
N GLU A 175 6.62 -4.94 5.76
CA GLU A 175 5.67 -3.83 5.57
C GLU A 175 5.32 -3.11 6.86
N GLY A 176 5.09 -1.80 6.86
CA GLY A 176 4.64 -1.11 8.07
C GLY A 176 3.26 -1.59 8.48
N VAL A 177 2.30 -1.45 7.59
CA VAL A 177 0.94 -1.96 7.75
C VAL A 177 0.67 -3.01 6.68
N PHE A 178 0.52 -4.29 7.03
CA PHE A 178 0.39 -5.30 5.98
C PHE A 178 -0.90 -5.14 5.19
N SER A 179 -0.73 -5.31 3.90
CA SER A 179 -1.73 -5.19 2.87
C SER A 179 -3.10 -5.71 3.30
N MET A 180 -3.13 -7.03 3.47
CA MET A 180 -4.37 -7.80 3.55
C MET A 180 -4.81 -8.05 4.97
N ASP A 181 -3.90 -8.10 5.94
CA ASP A 181 -4.32 -8.31 7.33
C ASP A 181 -4.40 -7.03 8.16
N GLY A 182 -3.85 -5.91 7.74
CA GLY A 182 -3.83 -4.68 8.51
C GLY A 182 -2.96 -4.66 9.74
N ASP A 183 -2.20 -5.68 10.08
CA ASP A 183 -1.32 -5.63 11.25
C ASP A 183 0.00 -4.94 10.94
N SER A 184 0.81 -4.65 11.96
CA SER A 184 2.10 -4.01 11.84
C SER A 184 3.26 -4.96 12.06
N ALA A 185 4.48 -4.59 11.71
CA ALA A 185 5.66 -5.42 11.91
C ALA A 185 6.45 -5.06 13.15
N PRO A 186 7.06 -6.02 13.86
CA PRO A 186 7.90 -5.63 15.00
C PRO A 186 9.19 -4.95 14.55
N LEU A 187 9.06 -3.69 14.16
CA LEU A 187 10.09 -2.94 13.47
C LEU A 187 11.32 -2.72 14.32
N ALA A 188 11.16 -2.35 15.60
CA ALA A 188 12.42 -2.08 16.30
C ALA A 188 13.13 -3.41 16.51
N GLU A 189 12.35 -4.48 16.67
CA GLU A 189 13.03 -5.75 16.91
C GLU A 189 13.63 -6.31 15.63
N ILE A 190 12.88 -5.96 14.56
CA ILE A 190 13.40 -6.45 13.29
C ILE A 190 14.68 -5.71 12.96
N GLN A 191 14.66 -4.39 13.23
CA GLN A 191 15.87 -3.69 12.74
C GLN A 191 17.08 -4.12 13.56
N GLN A 192 16.87 -4.48 14.82
CA GLN A 192 18.05 -4.82 15.64
C GLN A 192 18.69 -6.13 15.23
N VAL A 193 17.89 -7.10 14.77
CA VAL A 193 18.57 -8.33 14.35
C VAL A 193 19.15 -8.06 12.97
N THR A 194 18.49 -7.18 12.21
CA THR A 194 19.01 -6.90 10.86
C THR A 194 20.41 -6.31 10.97
N GLN A 195 20.54 -5.42 11.93
CA GLN A 195 21.75 -4.67 12.23
C GLN A 195 22.82 -5.63 12.75
N GLN A 196 22.39 -6.53 13.61
CA GLN A 196 23.32 -7.49 14.22
C GLN A 196 24.04 -8.24 13.11
N HIS A 197 23.37 -8.51 12.00
CA HIS A 197 23.97 -9.25 10.88
C HIS A 197 24.51 -8.39 9.76
N ASN A 198 24.70 -7.10 9.99
CA ASN A 198 25.11 -6.14 8.99
C ASN A 198 24.13 -6.11 7.83
N GLY A 199 22.85 -6.32 8.13
CA GLY A 199 21.86 -6.18 7.06
C GLY A 199 21.42 -4.73 6.90
N TRP A 200 20.63 -4.52 5.86
CA TRP A 200 19.92 -3.28 5.59
C TRP A 200 18.43 -3.64 5.60
N LEU A 201 17.61 -2.70 6.05
CA LEU A 201 16.18 -2.94 6.17
C LEU A 201 15.42 -2.11 5.16
N MET A 202 14.45 -2.75 4.52
CA MET A 202 13.59 -2.12 3.54
C MET A 202 12.14 -2.32 3.97
N VAL A 203 11.50 -1.21 4.27
CA VAL A 203 10.12 -1.18 4.74
C VAL A 203 9.21 -0.48 3.72
N ASP A 204 8.12 -1.17 3.41
CA ASP A 204 7.07 -0.65 2.53
C ASP A 204 5.89 -0.19 3.38
N ASP A 205 5.68 1.11 3.47
CA ASP A 205 4.66 1.68 4.35
C ASP A 205 3.47 2.22 3.58
N ALA A 206 3.10 1.51 2.52
CA ALA A 206 1.98 1.94 1.67
C ALA A 206 0.75 2.26 2.51
N HIS A 207 0.46 1.41 3.49
CA HIS A 207 -0.82 1.44 4.18
C HIS A 207 -0.71 2.19 5.50
N GLY A 208 0.49 2.67 5.83
CA GLY A 208 0.55 3.45 7.07
C GLY A 208 0.86 4.90 6.76
N THR A 209 1.43 5.19 5.61
CA THR A 209 1.92 6.51 5.24
C THR A 209 0.77 7.50 5.17
N GLY A 210 0.85 8.60 5.91
CA GLY A 210 -0.16 9.63 6.02
C GLY A 210 -1.21 9.36 7.07
N VAL A 211 -1.32 8.11 7.52
CA VAL A 211 -2.44 7.64 8.31
C VAL A 211 -2.14 7.48 9.79
N ILE A 212 -0.89 7.31 10.22
CA ILE A 212 -0.55 7.16 11.63
C ILE A 212 0.74 7.90 11.94
N GLY A 213 1.08 8.03 13.22
CA GLY A 213 2.29 8.77 13.56
C GLY A 213 1.99 10.26 13.56
N GLU A 214 2.94 11.05 14.06
CA GLU A 214 2.74 12.49 14.11
C GLU A 214 2.90 13.06 12.71
N GLN A 215 2.03 13.97 12.30
CA GLN A 215 2.10 14.50 10.94
C GLN A 215 1.91 13.37 9.93
N GLY A 216 1.22 12.32 10.35
CA GLY A 216 0.94 11.14 9.54
C GLY A 216 2.18 10.53 8.95
N ARG A 217 3.34 10.59 9.62
CA ARG A 217 4.57 10.12 9.02
C ARG A 217 4.72 8.61 8.86
N GLY A 218 3.79 7.81 9.38
CA GLY A 218 3.71 6.39 9.09
C GLY A 218 4.24 5.44 10.14
N SER A 219 4.33 4.16 9.80
CA SER A 219 4.78 3.08 10.67
C SER A 219 6.19 3.24 11.21
N CYS A 220 7.11 3.71 10.38
CA CYS A 220 8.50 3.80 10.86
C CYS A 220 8.68 4.90 11.89
N TRP A 221 8.21 6.10 11.60
CA TRP A 221 8.32 7.19 12.60
C TRP A 221 7.73 6.79 13.94
N LEU A 222 6.48 6.35 13.91
CA LEU A 222 5.72 5.92 15.07
C LEU A 222 6.48 4.95 15.95
N GLN A 223 7.17 4.02 15.29
CA GLN A 223 7.90 3.00 16.01
C GLN A 223 9.36 3.37 16.27
N LYS A 224 9.77 4.58 15.92
CA LYS A 224 11.13 5.00 16.27
C LYS A 224 12.23 4.23 15.53
N VAL A 225 11.95 3.82 14.31
CA VAL A 225 12.88 3.13 13.43
C VAL A 225 13.07 3.92 12.14
N LYS A 226 14.28 3.93 11.62
CA LYS A 226 14.64 4.50 10.33
C LYS A 226 15.34 3.43 9.49
N PRO A 227 14.55 2.69 8.72
CA PRO A 227 15.11 1.70 7.80
C PRO A 227 16.06 2.34 6.79
N GLU A 228 17.05 1.62 6.22
CA GLU A 228 17.86 2.33 5.23
C GLU A 228 17.06 2.62 3.96
N LEU A 229 15.99 1.84 3.77
CA LEU A 229 15.10 2.16 2.65
C LEU A 229 13.66 2.17 3.15
N LEU A 230 12.99 3.30 2.89
CA LEU A 230 11.55 3.36 3.18
C LEU A 230 10.81 3.66 1.88
N VAL A 231 9.83 2.80 1.58
CA VAL A 231 9.03 3.09 0.38
C VAL A 231 7.70 3.62 0.88
N VAL A 232 7.30 4.76 0.30
CA VAL A 232 5.97 5.30 0.55
C VAL A 232 5.28 5.41 -0.81
N THR A 233 4.00 5.10 -0.77
CA THR A 233 3.14 5.05 -1.95
C THR A 233 1.89 5.89 -1.75
N PHE A 234 1.42 6.46 -2.86
CA PHE A 234 0.46 7.54 -2.77
C PHE A 234 -0.93 7.17 -3.27
N GLY A 235 -1.17 5.92 -3.66
CA GLY A 235 -2.51 5.60 -4.19
C GLY A 235 -3.48 5.23 -3.09
N LYS A 236 -3.06 5.27 -1.82
CA LYS A 236 -3.96 4.96 -0.70
C LYS A 236 -4.30 6.20 0.11
N GLY A 237 -3.81 6.29 1.34
CA GLY A 237 -4.08 7.48 2.15
C GLY A 237 -3.82 8.79 1.45
N PHE A 238 -2.79 8.89 0.59
CA PHE A 238 -2.56 10.19 -0.02
C PHE A 238 -3.68 10.61 -0.99
N GLY A 239 -4.36 9.66 -1.58
CA GLY A 239 -5.53 9.91 -2.43
C GLY A 239 -5.22 10.21 -3.87
N VAL A 240 -4.01 9.84 -4.30
CA VAL A 240 -3.63 10.11 -5.69
C VAL A 240 -3.06 8.83 -6.31
N SER A 241 -1.77 8.81 -6.61
CA SER A 241 -1.04 7.85 -7.39
C SER A 241 0.44 8.16 -7.33
N GLY A 242 1.26 7.12 -7.46
CA GLY A 242 2.71 7.28 -7.41
C GLY A 242 3.31 6.78 -6.11
N ALA A 243 4.61 7.04 -5.95
CA ALA A 243 5.38 6.56 -4.82
C ALA A 243 6.72 7.29 -4.74
N ALA A 244 7.39 7.02 -3.63
CA ALA A 244 8.77 7.49 -3.53
C ALA A 244 9.57 6.54 -2.64
N VAL A 245 10.86 6.59 -2.85
CA VAL A 245 11.89 5.85 -2.13
C VAL A 245 12.69 6.85 -1.27
N LEU A 246 12.63 6.63 0.02
CA LEU A 246 13.30 7.54 0.97
C LEU A 246 14.63 6.87 1.26
N CYS A 247 15.76 7.55 1.26
CA CYS A 247 17.04 6.85 1.43
C CYS A 247 18.17 7.87 1.58
N SER A 248 19.39 7.39 1.76
CA SER A 248 20.53 8.30 1.95
C SER A 248 20.95 8.94 0.65
N SER A 249 21.88 9.90 0.75
CA SER A 249 22.32 10.57 -0.48
C SER A 249 23.07 9.61 -1.38
N THR A 250 23.87 8.70 -0.81
CA THR A 250 24.63 7.79 -1.64
C THR A 250 23.72 6.73 -2.24
N VAL A 251 22.81 6.22 -1.42
CA VAL A 251 21.91 5.24 -2.04
C VAL A 251 21.10 5.95 -3.13
N ALA A 252 20.69 7.18 -2.83
CA ALA A 252 19.93 7.98 -3.79
C ALA A 252 20.69 8.09 -5.11
N ASP A 253 21.97 8.42 -5.02
CA ASP A 253 22.78 8.54 -6.24
C ASP A 253 22.84 7.20 -6.97
N TYR A 254 23.02 6.16 -6.15
CA TYR A 254 23.08 4.80 -6.66
C TYR A 254 21.79 4.49 -7.44
N LEU A 255 20.64 4.87 -6.88
CA LEU A 255 19.37 4.52 -7.50
C LEU A 255 19.19 5.32 -8.78
N LEU A 256 19.69 6.54 -8.83
CA LEU A 256 19.65 7.32 -10.04
C LEU A 256 20.48 6.73 -11.18
N GLN A 257 21.51 5.95 -10.87
CA GLN A 257 22.36 5.41 -11.94
C GLN A 257 21.77 4.11 -12.48
N PHE A 258 21.28 3.28 -11.57
CA PHE A 258 20.98 1.90 -11.86
C PHE A 258 19.51 1.50 -11.89
N ALA A 259 18.57 2.31 -11.45
CA ALA A 259 17.16 1.90 -11.41
C ALA A 259 16.45 2.31 -12.71
N ARG A 260 16.39 1.37 -13.65
CA ARG A 260 15.82 1.57 -14.97
C ARG A 260 14.45 2.21 -14.94
N HIS A 261 13.57 1.76 -14.05
CA HIS A 261 12.22 2.32 -13.97
C HIS A 261 12.24 3.84 -13.78
N LEU A 262 13.31 4.39 -13.25
CA LEU A 262 13.54 5.80 -12.97
C LEU A 262 14.22 6.49 -14.15
N ILE A 263 15.06 5.72 -14.85
CA ILE A 263 15.80 6.29 -15.98
C ILE A 263 15.04 6.18 -17.30
N TYR A 264 14.34 5.06 -17.51
CA TYR A 264 13.83 4.72 -18.83
C TYR A 264 12.31 4.80 -18.87
N SER A 265 11.74 5.57 -17.96
CA SER A 265 10.31 5.76 -17.85
C SER A 265 10.00 7.25 -17.74
N THR A 266 8.96 7.70 -18.41
CA THR A 266 8.43 9.06 -18.37
C THR A 266 8.15 9.54 -16.97
N SER A 267 8.57 10.74 -16.59
CA SER A 267 8.22 11.19 -15.23
C SER A 267 6.73 11.48 -15.13
N MET A 268 6.19 11.55 -13.90
CA MET A 268 4.76 11.80 -13.77
C MET A 268 4.42 13.19 -14.30
N PRO A 269 3.20 13.44 -14.71
CA PRO A 269 2.88 14.85 -15.07
C PRO A 269 3.11 15.76 -13.86
N PRO A 270 3.80 16.88 -14.07
CA PRO A 270 4.01 17.87 -12.99
C PRO A 270 2.75 18.19 -12.23
N ALA A 271 1.62 18.21 -12.92
CA ALA A 271 0.37 18.49 -12.21
C ALA A 271 0.00 17.40 -11.23
N GLN A 272 0.41 16.17 -11.49
CA GLN A 272 0.15 15.10 -10.55
C GLN A 272 0.97 15.36 -9.30
N ALA A 273 2.22 15.79 -9.56
CA ALA A 273 3.12 16.12 -8.46
C ALA A 273 2.65 17.31 -7.64
N GLN A 274 2.02 18.31 -8.23
CA GLN A 274 1.46 19.44 -7.48
C GLN A 274 0.34 18.93 -6.58
N ALA A 275 -0.46 18.02 -7.14
CA ALA A 275 -1.50 17.39 -6.33
C ALA A 275 -0.92 16.65 -5.13
N LEU A 276 0.23 16.00 -5.30
CA LEU A 276 0.77 15.19 -4.20
C LEU A 276 1.25 16.13 -3.09
N ARG A 277 1.98 17.18 -3.47
CA ARG A 277 2.41 18.19 -2.51
C ARG A 277 1.26 18.77 -1.69
N ALA A 278 0.16 19.10 -2.36
CA ALA A 278 -1.03 19.57 -1.63
C ALA A 278 -1.56 18.50 -0.69
N SER A 279 -1.55 17.25 -1.12
CA SER A 279 -1.98 16.13 -0.29
C SER A 279 -1.09 16.05 0.96
N LEU A 280 0.22 16.11 0.79
CA LEU A 280 1.20 16.16 1.85
C LEU A 280 0.88 17.31 2.81
N ALA A 281 0.67 18.51 2.27
CA ALA A 281 0.21 19.65 3.08
C ALA A 281 -0.99 19.31 3.94
N VAL A 282 -2.04 18.70 3.37
CA VAL A 282 -3.20 18.38 4.22
C VAL A 282 -2.76 17.39 5.29
N ILE A 283 -2.00 16.39 4.85
CA ILE A 283 -1.65 15.33 5.78
C ILE A 283 -0.83 15.84 6.96
N ARG A 284 0.00 16.85 6.75
CA ARG A 284 0.80 17.35 7.85
C ARG A 284 0.07 18.44 8.64
N SER A 285 -1.13 18.78 8.18
CA SER A 285 -1.90 19.88 8.70
C SER A 285 -2.79 19.47 9.87
N ASP A 286 -3.35 20.51 10.51
CA ASP A 286 -4.34 20.27 11.56
C ASP A 286 -5.49 19.45 10.95
N GLU A 287 -5.82 19.73 9.68
CA GLU A 287 -6.85 18.87 9.06
C GLU A 287 -6.39 17.41 9.01
N GLY A 288 -5.10 17.22 8.77
CA GLY A 288 -4.49 15.89 8.75
C GLY A 288 -4.77 15.12 10.03
N ASP A 289 -4.56 15.78 11.16
CA ASP A 289 -4.80 15.17 12.46
C ASP A 289 -6.29 14.86 12.67
N ALA A 290 -7.12 15.83 12.32
CA ALA A 290 -8.56 15.65 12.46
C ALA A 290 -8.98 14.40 11.70
N ARG A 291 -8.49 14.27 10.47
CA ARG A 291 -8.82 13.10 9.64
C ARG A 291 -8.31 11.81 10.26
N ARG A 292 -7.10 11.82 10.85
CA ARG A 292 -6.52 10.59 11.41
C ARG A 292 -7.32 10.12 12.62
N GLU A 293 -7.74 11.12 13.39
CA GLU A 293 -8.47 10.85 14.63
C GLU A 293 -9.85 10.35 14.29
N LYS A 294 -10.52 11.02 13.33
CA LYS A 294 -11.82 10.48 12.94
C LYS A 294 -11.68 9.04 12.42
N LEU A 295 -10.70 8.76 11.56
CA LEU A 295 -10.50 7.37 11.11
C LEU A 295 -10.32 6.46 12.32
N ALA A 296 -9.50 6.86 13.31
CA ALA A 296 -9.37 6.03 14.52
C ALA A 296 -10.68 5.86 15.27
N ALA A 297 -11.47 6.93 15.32
CA ALA A 297 -12.77 6.89 15.99
C ALA A 297 -13.69 5.88 15.34
N LEU A 298 -13.72 5.94 14.01
CA LEU A 298 -14.48 4.97 13.23
C LEU A 298 -14.01 3.53 13.40
N ILE A 299 -12.71 3.28 13.36
CA ILE A 299 -12.18 1.91 13.57
C ILE A 299 -12.70 1.36 14.88
N THR A 300 -12.55 2.15 15.94
CA THR A 300 -13.01 1.82 17.28
C THR A 300 -14.47 1.40 17.26
N ARG A 301 -15.20 2.18 16.47
CA ARG A 301 -16.66 2.05 16.43
C ARG A 301 -16.99 0.73 15.77
N PHE A 302 -16.34 0.53 14.63
CA PHE A 302 -16.60 -0.70 13.90
C PHE A 302 -16.22 -1.92 14.75
N ARG A 303 -15.00 -1.86 15.30
CA ARG A 303 -14.43 -2.92 16.11
C ARG A 303 -15.27 -3.22 17.36
N ALA A 304 -15.70 -2.20 18.09
CA ALA A 304 -16.58 -2.54 19.23
C ALA A 304 -17.85 -3.24 18.75
N GLY A 305 -18.33 -2.86 17.56
CA GLY A 305 -19.62 -3.32 17.07
C GLY A 305 -19.55 -4.80 16.70
N VAL A 306 -18.38 -5.23 16.29
CA VAL A 306 -18.15 -6.61 15.85
C VAL A 306 -18.09 -7.59 17.01
N GLN A 307 -18.07 -7.05 18.22
CA GLN A 307 -18.06 -7.87 19.44
C GLN A 307 -19.34 -8.69 19.54
N ASP A 308 -20.49 -8.08 19.30
CA ASP A 308 -21.78 -8.75 19.29
C ASP A 308 -21.99 -9.63 18.07
N LEU A 309 -20.93 -9.86 17.29
CA LEU A 309 -21.04 -10.62 16.05
C LEU A 309 -20.24 -11.92 16.10
N PRO A 310 -20.81 -12.91 15.41
CA PRO A 310 -20.20 -14.23 15.24
C PRO A 310 -19.18 -14.27 14.11
N PHE A 311 -18.20 -13.36 14.14
CA PHE A 311 -17.22 -13.39 13.04
C PHE A 311 -15.79 -13.31 13.55
N THR A 312 -14.89 -12.94 12.64
CA THR A 312 -13.47 -12.79 12.87
C THR A 312 -13.11 -11.33 13.10
N LEU A 313 -12.73 -10.96 14.33
CA LEU A 313 -12.25 -9.59 14.52
C LEU A 313 -10.74 -9.53 14.23
N ALA A 314 -10.38 -10.11 13.10
CA ALA A 314 -9.08 -10.20 12.47
C ALA A 314 -8.28 -8.96 12.91
N ASP A 315 -7.75 -9.16 14.11
CA ASP A 315 -7.21 -8.14 14.97
C ASP A 315 -6.45 -7.08 14.17
N SER A 316 -7.19 -6.03 13.83
CA SER A 316 -6.52 -4.91 13.18
C SER A 316 -6.91 -3.57 13.81
N CYS A 317 -5.91 -2.74 14.05
CA CYS A 317 -6.11 -1.38 14.54
C CYS A 317 -6.04 -0.34 13.42
N SER A 318 -5.82 -0.83 12.20
CA SER A 318 -5.70 0.10 11.07
C SER A 318 -7.00 0.18 10.29
N ALA A 319 -7.03 0.96 9.23
CA ALA A 319 -8.20 1.16 8.39
C ALA A 319 -8.65 -0.11 7.67
N ILE A 320 -7.78 -1.10 7.70
CA ILE A 320 -7.94 -2.40 7.08
C ILE A 320 -8.55 -3.38 8.06
N GLN A 321 -9.77 -3.88 7.83
CA GLN A 321 -10.35 -4.84 8.78
C GLN A 321 -10.80 -6.11 8.10
N PRO A 322 -9.97 -7.14 8.13
CA PRO A 322 -10.26 -8.32 7.30
C PRO A 322 -11.34 -9.17 7.97
N LEU A 323 -11.77 -10.19 7.24
CA LEU A 323 -12.71 -11.23 7.55
C LEU A 323 -12.45 -12.46 6.68
N ILE A 324 -11.73 -13.44 7.23
CA ILE A 324 -11.35 -14.63 6.47
C ILE A 324 -12.56 -15.38 5.95
N VAL A 325 -12.37 -16.33 5.01
CA VAL A 325 -13.61 -16.96 4.55
C VAL A 325 -13.88 -18.30 5.21
N GLY A 326 -14.84 -18.19 6.13
CA GLY A 326 -15.56 -19.34 6.65
C GLY A 326 -16.75 -19.55 5.72
N ASP A 327 -16.46 -19.99 4.50
CA ASP A 327 -17.40 -20.39 3.47
C ASP A 327 -17.82 -19.23 2.57
N ASN A 328 -17.75 -19.45 1.27
CA ASN A 328 -18.00 -18.46 0.23
C ASN A 328 -17.47 -18.92 -1.11
N SER A 329 -18.36 -19.13 -2.11
CA SER A 329 -17.73 -19.43 -3.42
C SER A 329 -16.79 -18.29 -3.46
N ARG A 330 -15.71 -18.47 -2.70
CA ARG A 330 -14.72 -17.46 -2.65
C ARG A 330 -14.77 -16.79 -4.00
N ALA A 331 -15.45 -15.71 -3.98
CA ALA A 331 -15.73 -14.88 -5.10
C ALA A 331 -16.75 -14.00 -4.40
N LEU A 332 -17.78 -14.65 -3.87
CA LEU A 332 -18.77 -13.93 -3.08
C LEU A 332 -19.73 -14.83 -2.19
N GLN A 333 -20.23 -14.11 -1.21
CA GLN A 333 -21.10 -13.92 -0.10
C GLN A 333 -20.33 -14.06 1.23
N LEU A 334 -20.66 -13.37 2.28
CA LEU A 334 -21.62 -12.41 2.73
C LEU A 334 -21.63 -11.14 1.87
N ALA A 335 -20.57 -11.07 1.09
CA ALA A 335 -20.14 -10.07 0.15
C ALA A 335 -21.27 -9.54 -0.73
N GLU A 336 -22.21 -10.42 -1.07
CA GLU A 336 -23.24 -10.03 -2.05
C GLU A 336 -24.43 -9.50 -1.27
N LYS A 337 -24.66 -10.21 -0.17
CA LYS A 337 -25.75 -9.80 0.70
C LYS A 337 -25.53 -8.33 1.08
N LEU A 338 -24.31 -8.03 1.55
CA LEU A 338 -23.90 -6.68 1.86
C LEU A 338 -24.08 -5.76 0.65
N ARG A 339 -23.59 -6.21 -0.49
CA ARG A 339 -23.72 -5.50 -1.77
C ARG A 339 -25.16 -5.19 -2.12
N GLN A 340 -26.03 -6.20 -2.07
CA GLN A 340 -27.44 -5.91 -2.34
C GLN A 340 -27.98 -4.92 -1.32
N GLN A 341 -27.38 -4.85 -0.12
CA GLN A 341 -27.94 -3.95 0.87
C GLN A 341 -27.23 -2.60 0.95
N GLY A 342 -26.41 -2.24 -0.02
CA GLY A 342 -25.82 -0.90 -0.06
C GLY A 342 -24.45 -0.77 0.56
N CYS A 343 -23.86 -1.88 0.98
CA CYS A 343 -22.50 -1.92 1.49
C CYS A 343 -21.55 -2.61 0.54
N TRP A 344 -20.79 -1.85 -0.26
CA TRP A 344 -19.98 -2.47 -1.29
C TRP A 344 -18.72 -3.07 -0.65
N VAL A 345 -18.70 -4.39 -0.60
CA VAL A 345 -17.57 -5.14 -0.04
C VAL A 345 -16.94 -6.06 -1.05
N THR A 346 -15.90 -6.78 -0.65
CA THR A 346 -15.17 -7.52 -1.67
C THR A 346 -14.51 -8.78 -1.12
N GLY A 347 -14.45 -9.80 -1.96
CA GLY A 347 -13.85 -11.09 -1.72
C GLY A 347 -12.44 -11.21 -2.26
N ILE A 348 -11.47 -11.26 -1.34
CA ILE A 348 -10.06 -11.39 -1.72
C ILE A 348 -9.57 -12.81 -1.50
N ARG A 349 -9.17 -13.40 -2.61
CA ARG A 349 -8.78 -14.79 -2.74
C ARG A 349 -7.34 -14.98 -3.19
N PRO A 350 -6.81 -16.16 -2.94
CA PRO A 350 -5.50 -16.55 -3.47
C PRO A 350 -5.42 -16.32 -4.97
N PRO A 351 -4.25 -16.08 -5.55
CA PRO A 351 -2.96 -16.13 -4.88
C PRO A 351 -2.65 -14.86 -4.08
N THR A 352 -3.60 -13.95 -4.08
CA THR A 352 -3.34 -12.66 -3.43
C THR A 352 -3.24 -12.84 -1.92
N VAL A 353 -4.10 -13.71 -1.41
CA VAL A 353 -4.21 -14.25 -0.08
C VAL A 353 -3.71 -15.70 -0.04
N PRO A 354 -3.22 -16.12 1.12
CA PRO A 354 -2.67 -17.48 1.27
C PRO A 354 -3.63 -18.51 1.84
N ALA A 355 -4.00 -19.50 1.07
CA ALA A 355 -4.72 -20.70 1.45
C ALA A 355 -6.24 -20.60 1.39
N GLY A 356 -6.85 -21.26 2.37
CA GLY A 356 -8.28 -21.20 2.63
C GLY A 356 -8.53 -19.95 3.48
N ILE A 357 -8.19 -18.83 2.84
CA ILE A 357 -8.02 -17.51 3.44
C ILE A 357 -8.63 -16.40 2.60
N ALA A 358 -9.26 -16.75 1.47
CA ALA A 358 -10.12 -15.87 0.70
C ALA A 358 -10.99 -15.05 1.65
N ARG A 359 -11.25 -13.77 1.42
CA ARG A 359 -11.81 -13.02 2.55
C ARG A 359 -12.57 -11.78 2.09
N LEU A 360 -13.18 -11.16 3.08
CA LEU A 360 -13.82 -9.86 3.01
C LEU A 360 -12.83 -8.80 3.51
N ARG A 361 -12.22 -8.06 2.59
CA ARG A 361 -11.24 -7.08 3.06
C ARG A 361 -11.93 -5.73 3.20
N LEU A 362 -12.52 -5.49 4.38
CA LEU A 362 -13.20 -4.22 4.55
C LEU A 362 -12.17 -3.14 4.86
N THR A 363 -12.44 -1.96 4.34
CA THR A 363 -11.63 -0.80 4.65
C THR A 363 -12.48 0.42 5.01
N LEU A 364 -12.20 1.01 6.16
CA LEU A 364 -12.82 2.25 6.60
C LEU A 364 -11.97 3.42 6.13
N THR A 365 -12.59 4.60 6.01
CA THR A 365 -11.91 5.81 5.60
C THR A 365 -12.37 7.01 6.43
N ALA A 366 -11.64 8.11 6.42
CA ALA A 366 -12.14 9.26 7.17
C ALA A 366 -13.24 10.00 6.41
N ALA A 367 -13.60 9.51 5.22
CA ALA A 367 -14.67 10.13 4.45
C ALA A 367 -15.99 9.56 4.95
N HIS A 368 -15.88 8.54 5.80
CA HIS A 368 -17.09 7.88 6.25
C HIS A 368 -17.62 8.62 7.48
N GLU A 369 -18.80 8.21 7.92
CA GLU A 369 -19.48 8.79 9.07
C GLU A 369 -19.93 7.66 9.97
N MET A 370 -20.18 7.97 11.25
CA MET A 370 -20.53 6.87 12.15
C MET A 370 -21.81 6.19 11.73
N GLN A 371 -22.66 6.94 11.00
CA GLN A 371 -23.92 6.34 10.54
C GLN A 371 -23.66 5.38 9.39
N ASP A 372 -22.52 5.55 8.71
CA ASP A 372 -22.16 4.57 7.67
C ASP A 372 -21.76 3.28 8.35
N ILE A 373 -20.91 3.46 9.37
CA ILE A 373 -20.45 2.29 10.11
C ILE A 373 -21.59 1.58 10.82
N ASP A 374 -22.59 2.40 11.19
CA ASP A 374 -23.66 1.78 11.97
C ASP A 374 -24.43 0.85 11.05
N ARG A 375 -24.56 1.30 9.80
CA ARG A 375 -25.25 0.56 8.74
C ARG A 375 -24.51 -0.72 8.39
N LEU A 376 -23.21 -0.62 8.07
CA LEU A 376 -22.43 -1.84 7.85
C LEU A 376 -22.57 -2.77 9.06
N LEU A 377 -22.64 -2.16 10.24
CA LEU A 377 -22.86 -3.01 11.43
C LEU A 377 -24.28 -3.60 11.33
N GLU A 378 -25.26 -2.75 11.11
CA GLU A 378 -26.66 -3.16 10.92
C GLU A 378 -26.78 -4.32 9.94
N VAL A 379 -26.16 -4.15 8.79
CA VAL A 379 -26.28 -5.15 7.72
C VAL A 379 -25.51 -6.42 8.02
N LEU A 380 -24.27 -6.36 8.53
CA LEU A 380 -23.62 -7.57 9.02
C LEU A 380 -24.47 -8.27 10.09
N HIS A 381 -25.10 -7.46 10.93
CA HIS A 381 -26.00 -8.07 11.92
C HIS A 381 -27.21 -8.64 11.17
N GLY A 382 -27.91 -7.77 10.44
CA GLY A 382 -29.08 -8.17 9.68
C GLY A 382 -29.87 -7.08 9.01
N ASN A 383 -30.99 -6.68 9.63
CA ASN A 383 -31.97 -5.81 9.01
C ASN A 383 -32.25 -6.29 7.58
N GLY A 384 -33.46 -6.80 7.37
CA GLY A 384 -33.83 -7.36 6.08
C GLY A 384 -32.78 -8.36 5.61
S SO4 B . 11.34 -19.66 0.94
O1 SO4 B . 10.71 -21.01 1.38
O2 SO4 B . 12.80 -19.59 1.44
O3 SO4 B . 10.52 -18.48 1.54
O4 SO4 B . 11.31 -19.56 -0.61
S SO4 C . -12.75 -7.69 -17.59
O1 SO4 C . -12.51 -8.42 -18.95
O2 SO4 C . -12.03 -8.45 -16.45
O3 SO4 C . -14.27 -7.63 -17.30
O4 SO4 C . -12.18 -6.24 -17.69
MG MG D . -2.28 -4.08 -1.72
N1 KAM E . 2.68 -1.99 -1.34
C2 KAM E . 1.63 -2.48 -0.69
C2A KAM E . 1.75 -2.98 0.68
C3 KAM E . 0.40 -2.36 -1.39
O3 KAM E . -0.66 -3.00 -0.97
C4 KAM E . 0.42 -1.86 -2.72
C4A KAM E . -0.83 -2.01 -3.48
C5 KAM E . 1.65 -1.49 -3.33
C6 KAM E . 2.78 -1.53 -2.55
C5A KAM E . 1.74 -1.01 -4.72
OP4 KAM E . 1.71 0.42 -4.90
P KAM E . 0.94 1.12 -6.07
OP1 KAM E . 1.22 2.60 -5.99
OP2 KAM E . 1.50 0.54 -7.33
OP3 KAM E . -0.53 0.82 -5.81
N9C KAM E . -1.89 -2.45 -2.93
C9C KAM E . -2.94 -1.55 -4.96
C8C KAM E . -3.05 -2.54 -3.84
C7C KAM E . -3.14 -3.98 -4.33
O7C KAM E . -2.16 -4.72 -4.34
C6C KAM E . -4.50 -4.43 -4.81
C5C KAM E . -4.69 -5.94 -4.82
C4C KAM E . -6.05 -6.39 -5.31
C3C KAM E . -6.20 -7.91 -5.39
C2C KAM E . -7.37 -8.34 -6.25
C1C KAM E . -7.75 -9.81 -6.16
O1C KAM E . -8.77 -10.18 -6.80
O2C KAM E . -7.05 -10.61 -5.47
#